data_3O14
#
_entry.id   3O14
#
_cell.length_a   44.105
_cell.length_b   45.773
_cell.length_c   65.892
_cell.angle_alpha   75.960
_cell.angle_beta   71.080
_cell.angle_gamma   63.350
#
_symmetry.space_group_name_H-M   'P 1'
#
loop_
_entity.id
_entity.type
_entity.pdbx_description
1 polymer 'Anti-ECFsigma factor, ChrR'
2 non-polymer 'ZINC ION'
3 non-polymer 'NICOTINIC ACID'
4 non-polymer 'SULFATE ION'
5 non-polymer 1,2-ETHANEDIOL
6 water water
#
_entity_poly.entity_id   1
_entity_poly.type   'polypeptide(L)'
_entity_poly.pdbx_seq_one_letter_code
;G(MSE)EINADFTKPVVIDTDQLEWRPSP(MSE)KGVERR(MSE)LDRIGGEVARATSIVRYAPGSRFSAHTHDGGEEFI
VLDGVFQDEHGDYPAGTYVRNPPTTSHVPGSAEGCTIFVKLWQFDPADRTQFSKN(MSE)EAELGAPVEGISTSLLHEDE
RETVTHRKLEPGANLTSEAAGGIEVLVLDGDVTVNDEVLGRNAWLRLPEGEALSATAGARGAKIW(MSE)KTGHLRFVRT
PEV
;
_entity_poly.pdbx_strand_id   A,B
#
loop_
_chem_comp.id
_chem_comp.type
_chem_comp.name
_chem_comp.formula
EDO non-polymer 1,2-ETHANEDIOL 'C2 H6 O2'
NIO non-polymer 'NICOTINIC ACID' 'C6 H5 N O2'
SO4 non-polymer 'SULFATE ION' 'O4 S -2'
ZN non-polymer 'ZINC ION' 'Zn 2'
#
# COMPACT_ATOMS: atom_id res chain seq x y z
N GLY A 1 -29.98 -15.05 16.14
CA GLY A 1 -29.27 -15.59 14.94
C GLY A 1 -27.97 -16.30 15.30
N MSE A 2 -27.16 -16.60 14.27
CA MSE A 2 -25.84 -17.21 14.52
C MSE A 2 -24.91 -16.18 15.11
O MSE A 2 -24.52 -15.24 14.41
CB MSE A 2 -25.24 -17.84 13.29
CG MSE A 2 -25.83 -19.25 12.95
SE MSE A 2 -24.69 -20.71 13.54
CE MSE A 2 -23.09 -20.30 12.53
N GLU A 3 -24.59 -16.38 16.39
CA GLU A 3 -23.79 -15.46 17.18
CA GLU A 3 -23.79 -15.44 17.15
C GLU A 3 -22.61 -16.22 17.73
N ILE A 4 -21.47 -16.12 17.06
CA ILE A 4 -20.29 -16.91 17.40
C ILE A 4 -19.28 -16.01 18.08
N ASN A 5 -18.95 -16.31 19.33
CA ASN A 5 -18.08 -15.42 20.10
C ASN A 5 -18.51 -13.96 19.99
N ALA A 6 -19.80 -13.73 20.16
CA ALA A 6 -20.39 -12.41 19.96
C ALA A 6 -20.47 -11.56 21.21
N ASP A 7 -19.91 -12.06 22.30
CA ASP A 7 -19.78 -11.28 23.51
C ASP A 7 -18.37 -10.75 23.53
N PHE A 8 -18.23 -9.50 23.11
CA PHE A 8 -16.92 -8.89 22.88
C PHE A 8 -16.20 -8.48 24.17
N THR A 9 -16.88 -8.67 25.30
CA THR A 9 -16.25 -8.49 26.62
C THR A 9 -15.43 -9.71 27.06
N LYS A 10 -15.54 -10.83 26.33
CA LYS A 10 -14.85 -12.07 26.70
C LYS A 10 -13.60 -12.28 25.81
N PRO A 11 -12.44 -12.57 26.43
CA PRO A 11 -11.32 -13.00 25.66
C PRO A 11 -11.61 -14.31 25.00
N VAL A 12 -11.04 -14.51 23.82
CA VAL A 12 -11.13 -15.82 23.17
CA VAL A 12 -11.16 -15.78 23.08
C VAL A 12 -9.80 -16.15 22.56
N VAL A 13 -9.41 -17.42 22.71
CA VAL A 13 -8.26 -17.97 22.00
C VAL A 13 -8.70 -19.23 21.29
N ILE A 14 -8.26 -19.42 20.04
CA ILE A 14 -8.69 -20.54 19.25
C ILE A 14 -7.50 -21.10 18.47
N ASP A 15 -7.23 -22.39 18.65
CA ASP A 15 -6.36 -23.13 17.76
C ASP A 15 -7.20 -23.47 16.53
N THR A 16 -7.14 -22.63 15.52
CA THR A 16 -8.10 -22.75 14.41
C THR A 16 -7.88 -24.01 13.56
N ASP A 17 -6.67 -24.59 13.64
CA ASP A 17 -6.40 -25.88 12.98
C ASP A 17 -7.21 -27.06 13.53
N GLN A 18 -7.85 -26.88 14.70
CA GLN A 18 -8.71 -27.91 15.28
C GLN A 18 -10.19 -27.80 14.82
N LEU A 19 -10.56 -26.72 14.16
CA LEU A 19 -11.98 -26.47 13.82
C LEU A 19 -12.41 -27.24 12.57
N GLU A 20 -13.66 -27.72 12.58
CA GLU A 20 -14.26 -28.27 11.37
C GLU A 20 -14.36 -27.27 10.25
N TRP A 21 -13.94 -27.67 9.05
CA TRP A 21 -14.31 -26.94 7.86
C TRP A 21 -15.80 -27.14 7.59
N ARG A 22 -16.52 -26.04 7.45
CA ARG A 22 -17.95 -26.08 7.20
C ARG A 22 -18.26 -25.52 5.83
N PRO A 23 -19.31 -26.05 5.17
CA PRO A 23 -19.66 -25.54 3.85
C PRO A 23 -20.07 -24.07 3.90
N SER A 24 -19.80 -23.36 2.81
CA SER A 24 -20.32 -22.02 2.62
C SER A 24 -21.31 -22.10 1.45
N PRO A 25 -21.98 -20.98 1.13
CA PRO A 25 -22.84 -20.93 -0.05
C PRO A 25 -22.07 -21.09 -1.38
N MSE A 26 -20.78 -20.76 -1.40
CA MSE A 26 -19.98 -20.89 -2.61
C MSE A 26 -19.40 -22.32 -2.70
O MSE A 26 -18.70 -22.79 -1.81
CB MSE A 26 -18.85 -19.82 -2.62
CG MSE A 26 -19.30 -18.34 -2.36
SE MSE A 26 -17.84 -17.06 -1.80
CE MSE A 26 -16.88 -16.81 -3.47
N LYS A 27 -19.73 -23.01 -3.79
CA LYS A 27 -19.15 -24.33 -4.10
C LYS A 27 -17.62 -24.26 -4.06
N GLY A 28 -16.99 -25.22 -3.41
CA GLY A 28 -15.54 -25.23 -3.28
C GLY A 28 -14.94 -24.20 -2.31
N VAL A 29 -15.78 -23.52 -1.52
CA VAL A 29 -15.27 -22.64 -0.47
C VAL A 29 -15.79 -23.10 0.89
N GLU A 30 -14.86 -23.43 1.79
CA GLU A 30 -15.24 -23.93 3.11
C GLU A 30 -14.72 -22.93 4.12
N ARG A 31 -15.28 -22.95 5.33
CA ARG A 31 -14.97 -21.91 6.31
C ARG A 31 -14.86 -22.43 7.72
N ARG A 32 -13.97 -21.78 8.45
CA ARG A 32 -13.84 -21.88 9.89
C ARG A 32 -14.22 -20.52 10.46
N MSE A 33 -15.38 -20.46 11.06
CA MSE A 33 -15.89 -19.20 11.57
C MSE A 33 -15.27 -18.93 12.95
O MSE A 33 -15.20 -19.83 13.83
CB MSE A 33 -17.42 -19.24 11.58
CG MSE A 33 -17.97 -19.27 10.18
SE MSE A 33 -19.86 -19.56 10.15
CE MSE A 33 -19.98 -21.51 10.50
N LEU A 34 -14.81 -17.70 13.15
CA LEU A 34 -14.13 -17.27 14.37
C LEU A 34 -14.99 -16.33 15.21
N ASP A 35 -15.56 -15.32 14.58
CA ASP A 35 -16.64 -14.60 15.27
C ASP A 35 -17.68 -14.17 14.26
N ARG A 36 -18.90 -13.96 14.73
CA ARG A 36 -20.02 -13.64 13.84
CA ARG A 36 -20.02 -13.60 13.84
C ARG A 36 -21.15 -13.01 14.66
N ILE A 37 -21.70 -11.89 14.17
CA ILE A 37 -22.79 -11.19 14.93
C ILE A 37 -23.74 -10.40 14.02
N GLY A 38 -25.04 -10.59 14.27
CA GLY A 38 -26.10 -10.11 13.35
C GLY A 38 -27.04 -11.23 12.91
N GLY A 39 -28.06 -10.87 12.12
CA GLY A 39 -29.04 -11.85 11.63
C GLY A 39 -28.63 -12.39 10.28
N GLU A 40 -29.42 -12.09 9.26
CA GLU A 40 -29.20 -12.59 7.90
C GLU A 40 -27.79 -12.29 7.40
N VAL A 41 -27.43 -11.01 7.43
CA VAL A 41 -26.12 -10.56 6.94
C VAL A 41 -25.26 -10.27 8.17
N ALA A 42 -24.00 -10.70 8.11
CA ALA A 42 -23.19 -10.84 9.34
C ALA A 42 -21.89 -10.03 9.38
N ARG A 43 -21.63 -9.35 10.50
CA ARG A 43 -20.27 -8.97 10.83
C ARG A 43 -19.55 -10.27 11.12
N ALA A 44 -18.50 -10.59 10.36
CA ALA A 44 -17.91 -11.92 10.38
C ALA A 44 -16.38 -11.89 10.31
N THR A 45 -15.74 -12.78 11.08
CA THR A 45 -14.30 -13.06 11.01
C THR A 45 -14.18 -14.57 10.82
N SER A 46 -13.50 -14.98 9.74
CA SER A 46 -13.43 -16.37 9.37
C SER A 46 -12.09 -16.65 8.72
N ILE A 47 -11.72 -17.93 8.73
CA ILE A 47 -10.70 -18.45 7.82
C ILE A 47 -11.45 -19.24 6.77
N VAL A 48 -11.15 -18.98 5.51
CA VAL A 48 -11.86 -19.64 4.41
CA VAL A 48 -11.87 -19.56 4.37
C VAL A 48 -10.86 -20.19 3.44
N ARG A 49 -11.21 -21.33 2.84
CA ARG A 49 -10.34 -22.00 1.88
C ARG A 49 -11.07 -22.18 0.57
N TYR A 50 -10.43 -21.72 -0.50
CA TYR A 50 -10.94 -21.84 -1.87
C TYR A 50 -10.20 -22.99 -2.51
N ALA A 51 -10.96 -23.93 -3.07
CA ALA A 51 -10.34 -25.08 -3.80
C ALA A 51 -9.64 -24.59 -5.04
N PRO A 52 -8.60 -25.32 -5.47
CA PRO A 52 -8.02 -25.03 -6.79
C PRO A 52 -9.09 -25.01 -7.88
N GLY A 53 -8.96 -24.05 -8.81
CA GLY A 53 -9.85 -23.92 -9.96
C GLY A 53 -11.17 -23.24 -9.64
N SER A 54 -11.27 -22.68 -8.44
CA SER A 54 -12.39 -21.85 -8.02
C SER A 54 -12.60 -20.67 -8.97
N ARG A 55 -13.82 -20.58 -9.48
CA ARG A 55 -14.21 -19.42 -10.29
C ARG A 55 -15.68 -19.06 -9.95
N PHE A 56 -15.94 -17.81 -9.65
CA PHE A 56 -17.29 -17.44 -9.22
C PHE A 56 -17.83 -16.30 -10.02
N SER A 57 -19.09 -16.01 -9.74
CA SER A 57 -19.73 -14.82 -10.27
C SER A 57 -19.31 -13.64 -9.40
N ALA A 58 -19.58 -12.45 -9.90
CA ALA A 58 -19.24 -11.24 -9.18
C ALA A 58 -19.98 -11.07 -7.86
N HIS A 59 -19.36 -10.38 -6.92
CA HIS A 59 -20.09 -9.85 -5.74
C HIS A 59 -19.65 -8.46 -5.38
N THR A 60 -20.48 -7.84 -4.55
CA THR A 60 -20.20 -6.52 -4.02
CA THR A 60 -20.27 -6.51 -4.01
C THR A 60 -20.00 -6.64 -2.52
N HIS A 61 -19.22 -5.72 -1.97
CA HIS A 61 -18.93 -5.70 -0.56
C HIS A 61 -19.75 -4.61 0.11
N ASP A 62 -20.98 -4.92 0.54
CA ASP A 62 -21.86 -3.93 1.12
C ASP A 62 -21.31 -3.42 2.46
N GLY A 63 -20.56 -4.26 3.18
CA GLY A 63 -19.94 -3.84 4.46
C GLY A 63 -18.43 -3.86 4.49
N GLY A 64 -17.84 -3.97 3.31
CA GLY A 64 -16.41 -4.10 3.19
C GLY A 64 -15.89 -5.49 3.44
N GLU A 65 -14.67 -5.70 3.00
CA GLU A 65 -14.03 -7.00 2.99
C GLU A 65 -12.54 -6.79 3.17
N GLU A 66 -11.98 -7.34 4.25
CA GLU A 66 -10.54 -7.23 4.56
C GLU A 66 -10.01 -8.62 4.70
N PHE A 67 -8.84 -8.90 4.13
CA PHE A 67 -8.29 -10.24 4.22
C PHE A 67 -6.77 -10.35 4.13
N ILE A 68 -6.27 -11.45 4.66
CA ILE A 68 -4.88 -11.81 4.54
C ILE A 68 -4.81 -13.09 3.74
N VAL A 69 -3.99 -13.16 2.71
CA VAL A 69 -3.83 -14.46 2.03
C VAL A 69 -2.79 -15.27 2.84
N LEU A 70 -3.23 -16.39 3.43
CA LEU A 70 -2.38 -17.17 4.32
C LEU A 70 -1.53 -18.17 3.56
N ASP A 71 -2.11 -18.71 2.50
CA ASP A 71 -1.47 -19.72 1.67
CA ASP A 71 -1.36 -19.56 1.60
C ASP A 71 -2.06 -19.69 0.27
N GLY A 72 -1.29 -20.11 -0.74
CA GLY A 72 -1.77 -20.12 -2.11
C GLY A 72 -1.89 -18.71 -2.66
N VAL A 73 -2.71 -18.57 -3.70
CA VAL A 73 -2.83 -17.31 -4.43
C VAL A 73 -4.31 -17.04 -4.71
N PHE A 74 -4.83 -15.95 -4.15
CA PHE A 74 -6.17 -15.47 -4.46
C PHE A 74 -6.09 -14.60 -5.73
N GLN A 75 -7.19 -14.55 -6.46
CA GLN A 75 -7.23 -13.81 -7.73
C GLN A 75 -8.53 -13.05 -7.93
N ASP A 76 -8.43 -11.92 -8.63
CA ASP A 76 -9.61 -11.31 -9.21
C ASP A 76 -9.23 -10.65 -10.55
N GLU A 77 -10.12 -9.85 -11.11
CA GLU A 77 -9.88 -9.20 -12.41
C GLU A 77 -8.71 -8.21 -12.40
N HIS A 78 -8.27 -7.82 -11.20
CA HIS A 78 -7.09 -6.96 -11.06
C HIS A 78 -5.79 -7.72 -10.81
N GLY A 79 -5.81 -9.05 -10.91
CA GLY A 79 -4.61 -9.87 -10.85
C GLY A 79 -4.51 -10.80 -9.65
N ASP A 80 -3.27 -10.99 -9.19
CA ASP A 80 -2.97 -11.98 -8.17
C ASP A 80 -2.74 -11.35 -6.81
N TYR A 81 -3.03 -12.13 -5.77
CA TYR A 81 -2.81 -11.75 -4.39
C TYR A 81 -2.15 -12.94 -3.73
N PRO A 82 -0.81 -13.00 -3.81
CA PRO A 82 -0.15 -14.19 -3.28
C PRO A 82 -0.10 -14.23 -1.77
N ALA A 83 0.26 -15.39 -1.23
CA ALA A 83 0.38 -15.57 0.22
C ALA A 83 1.25 -14.46 0.78
N GLY A 84 0.77 -13.80 1.83
CA GLY A 84 1.48 -12.67 2.45
C GLY A 84 0.89 -11.32 2.10
N THR A 85 -0.11 -11.32 1.21
CA THR A 85 -0.80 -10.12 0.80
C THR A 85 -1.96 -9.82 1.72
N TYR A 86 -2.07 -8.54 2.07
CA TYR A 86 -3.16 -8.00 2.87
C TYR A 86 -3.97 -7.06 1.99
N VAL A 87 -5.28 -7.17 2.09
CA VAL A 87 -6.21 -6.48 1.18
C VAL A 87 -7.35 -5.84 1.95
N ARG A 88 -7.69 -4.60 1.57
CA ARG A 88 -8.91 -3.90 1.97
C ARG A 88 -9.72 -3.51 0.76
N ASN A 89 -10.94 -4.06 0.72
CA ASN A 89 -11.96 -3.79 -0.27
C ASN A 89 -13.15 -3.14 0.44
N PRO A 90 -13.24 -1.80 0.37
CA PRO A 90 -14.18 -1.07 1.19
C PRO A 90 -15.63 -1.19 0.70
N PRO A 91 -16.56 -0.69 1.50
CA PRO A 91 -17.95 -0.75 1.13
C PRO A 91 -18.20 -0.18 -0.25
N THR A 92 -19.14 -0.82 -0.93
CA THR A 92 -19.55 -0.54 -2.30
C THR A 92 -18.64 -1.04 -3.42
N THR A 93 -17.47 -1.60 -3.10
CA THR A 93 -16.59 -2.12 -4.13
C THR A 93 -17.12 -3.50 -4.57
N SER A 94 -16.66 -3.94 -5.73
CA SER A 94 -17.09 -5.21 -6.31
CA SER A 94 -17.11 -5.20 -6.33
C SER A 94 -15.96 -5.84 -7.08
N HIS A 95 -16.05 -7.15 -7.26
CA HIS A 95 -15.08 -7.88 -8.05
C HIS A 95 -15.55 -9.28 -8.35
N VAL A 96 -14.76 -10.00 -9.16
CA VAL A 96 -15.04 -11.40 -9.49
C VAL A 96 -13.90 -12.23 -8.90
N PRO A 97 -14.16 -12.91 -7.79
CA PRO A 97 -13.11 -13.67 -7.11
C PRO A 97 -12.87 -15.03 -7.73
N GLY A 98 -11.71 -15.57 -7.46
CA GLY A 98 -11.34 -16.89 -7.95
C GLY A 98 -9.99 -17.28 -7.39
N SER A 99 -9.61 -18.52 -7.66
CA SER A 99 -8.29 -19.01 -7.26
C SER A 99 -7.91 -20.20 -8.10
N ALA A 100 -7.07 -19.95 -9.10
CA ALA A 100 -6.58 -21.03 -9.95
C ALA A 100 -5.85 -22.11 -9.13
N GLU A 101 -4.98 -21.67 -8.21
CA GLU A 101 -4.12 -22.53 -7.40
CA GLU A 101 -4.19 -22.66 -7.49
C GLU A 101 -4.76 -23.06 -6.13
N GLY A 102 -5.84 -22.40 -5.72
CA GLY A 102 -6.40 -22.59 -4.37
C GLY A 102 -5.75 -21.60 -3.43
N CYS A 103 -6.44 -21.28 -2.35
CA CYS A 103 -5.85 -20.44 -1.33
C CYS A 103 -6.62 -20.59 0.00
N THR A 104 -5.97 -20.14 1.05
CA THR A 104 -6.60 -20.02 2.35
C THR A 104 -6.40 -18.58 2.80
N ILE A 105 -7.50 -17.98 3.28
CA ILE A 105 -7.47 -16.56 3.67
CA ILE A 105 -7.53 -16.57 3.60
C ILE A 105 -8.11 -16.38 5.01
N PHE A 106 -7.64 -15.34 5.71
CA PHE A 106 -8.28 -14.85 6.93
C PHE A 106 -9.04 -13.63 6.47
N VAL A 107 -10.34 -13.61 6.72
CA VAL A 107 -11.23 -12.61 6.18
C VAL A 107 -12.19 -12.03 7.20
N LYS A 108 -12.34 -10.71 7.14
CA LYS A 108 -13.32 -9.99 7.92
C LYS A 108 -14.32 -9.29 6.98
N LEU A 109 -15.61 -9.49 7.26
CA LEU A 109 -16.68 -8.88 6.48
C LEU A 109 -17.51 -8.00 7.41
N TRP A 110 -17.99 -6.89 6.86
CA TRP A 110 -18.91 -5.99 7.56
C TRP A 110 -18.28 -5.36 8.81
N GLN A 111 -16.98 -5.09 8.74
CA GLN A 111 -16.27 -4.38 9.84
C GLN A 111 -15.64 -3.07 9.38
N PHE A 112 -16.00 -2.60 8.19
CA PHE A 112 -15.63 -1.25 7.76
C PHE A 112 -16.71 -0.26 8.17
N ASP A 113 -16.29 0.97 8.39
CA ASP A 113 -17.24 2.06 8.48
C ASP A 113 -17.90 2.19 7.08
N PRO A 114 -19.22 2.40 7.04
CA PRO A 114 -19.92 2.52 5.74
C PRO A 114 -19.41 3.60 4.78
N ALA A 115 -18.72 4.60 5.32
CA ALA A 115 -18.23 5.71 4.53
C ALA A 115 -16.77 5.52 4.07
N ASP A 116 -16.14 4.42 4.48
CA ASP A 116 -14.74 4.17 4.13
C ASP A 116 -14.61 3.86 2.63
N ARG A 117 -13.65 4.52 1.98
CA ARG A 117 -13.43 4.33 0.56
C ARG A 117 -11.98 4.02 0.25
N THR A 118 -11.21 3.63 1.26
CA THR A 118 -9.81 3.27 1.05
C THR A 118 -9.67 1.80 0.61
N GLN A 119 -9.06 1.60 -0.55
CA GLN A 119 -8.91 0.28 -1.18
C GLN A 119 -7.46 0.07 -1.59
N PHE A 120 -6.86 -1.05 -1.19
CA PHE A 120 -5.52 -1.37 -1.63
C PHE A 120 -5.15 -2.80 -1.29
N SER A 121 -3.99 -3.23 -1.79
CA SER A 121 -3.37 -4.45 -1.32
C SER A 121 -1.91 -4.12 -1.09
N LYS A 122 -1.27 -4.94 -0.26
CA LYS A 122 0.02 -4.64 0.30
C LYS A 122 0.69 -5.98 0.59
N ASN A 123 1.98 -6.09 0.28
CA ASN A 123 2.80 -7.19 0.74
C ASN A 123 3.20 -6.89 2.16
N MSE A 124 2.71 -7.69 3.11
CA MSE A 124 2.89 -7.36 4.53
C MSE A 124 4.36 -7.25 4.95
O MSE A 124 4.70 -6.46 5.83
CB MSE A 124 2.18 -8.36 5.43
CG MSE A 124 0.66 -8.33 5.34
SE MSE A 124 -0.16 -9.49 6.65
CE MSE A 124 0.56 -11.19 6.00
N GLU A 125 5.22 -8.06 4.35
CA GLU A 125 6.65 -8.02 4.70
C GLU A 125 7.43 -6.87 4.08
N ALA A 126 6.93 -6.31 2.99
CA ALA A 126 7.74 -5.41 2.17
C ALA A 126 8.10 -4.12 2.91
N GLU A 127 7.19 -3.61 3.74
CA GLU A 127 7.50 -2.39 4.53
C GLU A 127 7.71 -2.61 6.04
N LEU A 128 8.13 -3.83 6.43
CA LEU A 128 8.74 -4.01 7.75
C LEU A 128 9.86 -3.01 7.98
N GLY A 129 9.79 -2.27 9.08
CA GLY A 129 10.86 -1.32 9.43
C GLY A 129 11.96 -1.98 10.22
N ALA A 130 12.90 -1.17 10.68
CA ALA A 130 14.02 -1.65 11.48
C ALA A 130 13.50 -2.24 12.80
N PRO A 131 14.16 -3.31 13.29
CA PRO A 131 13.70 -3.86 14.56
C PRO A 131 13.93 -2.90 15.71
N VAL A 132 12.99 -2.91 16.63
CA VAL A 132 13.08 -2.18 17.88
C VAL A 132 12.92 -3.25 18.93
N GLU A 133 14.01 -3.53 19.65
CA GLU A 133 14.04 -4.60 20.63
C GLU A 133 13.49 -5.93 20.07
N GLY A 134 13.95 -6.27 18.88
CA GLY A 134 13.59 -7.53 18.25
C GLY A 134 12.24 -7.59 17.59
N ILE A 135 11.50 -6.48 17.57
CA ILE A 135 10.23 -6.41 16.87
C ILE A 135 10.34 -5.48 15.64
N SER A 136 10.03 -6.01 14.47
CA SER A 136 9.90 -5.21 13.27
C SER A 136 8.41 -5.08 12.96
N THR A 137 8.01 -3.88 12.57
CA THR A 137 6.61 -3.57 12.33
C THR A 137 6.37 -2.98 10.95
N SER A 138 5.33 -3.48 10.30
CA SER A 138 4.82 -2.88 9.08
C SER A 138 3.41 -2.36 9.36
N LEU A 139 3.18 -1.05 9.17
CA LEU A 139 1.88 -0.46 9.35
C LEU A 139 1.04 -0.75 8.10
N LEU A 140 0.11 -1.68 8.24
CA LEU A 140 -0.70 -2.11 7.14
C LEU A 140 -1.86 -1.18 6.83
N HIS A 141 -2.50 -0.68 7.90
CA HIS A 141 -3.62 0.23 7.79
C HIS A 141 -3.82 1.01 9.09
N GLU A 142 -4.13 2.29 8.98
CA GLU A 142 -4.49 3.06 10.15
C GLU A 142 -5.51 4.14 9.79
N ASP A 143 -6.53 4.24 10.63
CA ASP A 143 -7.51 5.31 10.52
C ASP A 143 -7.92 5.68 11.93
N GLU A 144 -8.97 6.48 12.03
CA GLU A 144 -9.37 7.04 13.32
C GLU A 144 -9.94 5.97 14.26
N ARG A 145 -10.31 4.80 13.70
CA ARG A 145 -10.88 3.69 14.47
C ARG A 145 -9.93 2.56 14.84
N GLU A 146 -9.01 2.21 13.94
CA GLU A 146 -8.22 0.98 14.09
C GLU A 146 -6.82 1.15 13.58
N THR A 147 -5.93 0.30 14.11
CA THR A 147 -4.53 0.28 13.67
C THR A 147 -4.21 -1.20 13.36
N VAL A 148 -3.78 -1.47 12.12
CA VAL A 148 -3.52 -2.81 11.64
C VAL A 148 -2.04 -2.97 11.33
N THR A 149 -1.36 -3.97 11.92
CA THR A 149 0.09 -4.14 11.70
C THR A 149 0.42 -5.62 11.41
N HIS A 150 1.57 -5.78 10.74
CA HIS A 150 2.26 -7.06 10.67
C HIS A 150 3.50 -6.87 11.56
N ARG A 151 3.75 -7.85 12.40
CA ARG A 151 4.90 -7.85 13.29
C ARG A 151 5.76 -9.10 13.06
N LYS A 152 7.06 -8.90 12.92
CA LYS A 152 8.03 -9.98 12.93
C LYS A 152 8.80 -9.85 14.23
N LEU A 153 8.80 -10.95 15.00
CA LEU A 153 9.45 -11.03 16.29
C LEU A 153 10.65 -11.97 16.23
N GLU A 154 11.83 -11.47 16.60
CA GLU A 154 13.00 -12.31 16.75
C GLU A 154 12.79 -13.29 17.92
N PRO A 155 13.59 -14.36 18.00
CA PRO A 155 13.42 -15.27 19.14
C PRO A 155 13.54 -14.54 20.49
N GLY A 156 12.60 -14.80 21.39
CA GLY A 156 12.62 -14.20 22.73
C GLY A 156 12.09 -12.77 22.80
N ALA A 157 11.78 -12.17 21.65
CA ALA A 157 11.36 -10.76 21.60
C ALA A 157 9.93 -10.64 22.15
N ASN A 158 9.68 -9.60 22.94
CA ASN A 158 8.37 -9.38 23.54
C ASN A 158 7.70 -8.14 22.94
N LEU A 159 6.46 -8.31 22.50
CA LEU A 159 5.61 -7.17 22.13
C LEU A 159 4.59 -7.02 23.23
N THR A 160 4.55 -5.85 23.84
CA THR A 160 3.57 -5.53 24.87
C THR A 160 2.78 -4.35 24.32
N SER A 161 1.46 -4.52 24.22
CA SER A 161 0.56 -3.46 23.79
C SER A 161 -0.50 -3.13 24.87
N GLU A 162 -0.70 -1.85 25.11
CA GLU A 162 -1.79 -1.33 25.98
C GLU A 162 -2.78 -0.51 25.14
N ALA A 163 -2.83 -0.80 23.84
CA ALA A 163 -3.68 -0.08 22.88
C ALA A 163 -5.12 -0.13 23.36
N ALA A 164 -5.83 0.97 23.11
CA ALA A 164 -7.24 1.07 23.51
C ALA A 164 -8.17 0.36 22.51
N GLY A 165 -9.33 -0.06 23.01
CA GLY A 165 -10.42 -0.49 22.15
C GLY A 165 -10.36 -1.88 21.55
N GLY A 166 -9.67 -2.80 22.23
CA GLY A 166 -9.60 -4.19 21.80
C GLY A 166 -8.36 -4.53 20.99
N ILE A 167 -7.94 -5.77 21.08
CA ILE A 167 -6.73 -6.24 20.43
C ILE A 167 -7.02 -7.62 19.85
N GLU A 168 -6.74 -7.80 18.58
CA GLU A 168 -7.00 -9.07 17.90
C GLU A 168 -5.74 -9.47 17.16
N VAL A 169 -5.32 -10.72 17.31
CA VAL A 169 -4.07 -11.23 16.76
C VAL A 169 -4.29 -12.55 16.02
N LEU A 170 -3.64 -12.69 14.87
CA LEU A 170 -3.53 -13.97 14.17
C LEU A 170 -2.05 -14.30 14.07
N VAL A 171 -1.66 -15.47 14.57
CA VAL A 171 -0.30 -15.96 14.43
C VAL A 171 -0.08 -16.56 13.02
N LEU A 172 0.85 -15.96 12.29
CA LEU A 172 1.14 -16.34 10.91
C LEU A 172 2.23 -17.40 10.78
N ASP A 173 3.21 -17.35 11.68
CA ASP A 173 4.34 -18.27 11.65
C ASP A 173 5.01 -18.27 13.02
N GLY A 174 5.74 -19.35 13.29
CA GLY A 174 6.41 -19.50 14.59
C GLY A 174 5.41 -19.59 15.74
N ASP A 175 5.79 -19.04 16.88
CA ASP A 175 4.90 -19.04 18.02
C ASP A 175 5.20 -17.92 19.00
N VAL A 176 4.16 -17.57 19.76
CA VAL A 176 4.26 -16.58 20.83
C VAL A 176 3.61 -17.14 22.08
N THR A 177 4.17 -16.82 23.24
CA THR A 177 3.54 -17.10 24.50
C THR A 177 2.73 -15.88 24.94
N VAL A 178 1.46 -16.14 25.27
CA VAL A 178 0.53 -15.13 25.73
C VAL A 178 -0.20 -15.75 26.91
N ASN A 179 -0.14 -15.12 28.08
CA ASN A 179 -0.83 -15.63 29.26
C ASN A 179 -0.48 -17.09 29.55
N ASP A 180 0.80 -17.40 29.49
CA ASP A 180 1.31 -18.73 29.76
C ASP A 180 0.92 -19.79 28.75
N GLU A 181 0.38 -19.39 27.60
CA GLU A 181 -0.09 -20.33 26.60
C GLU A 181 0.71 -20.15 25.31
N VAL A 182 1.19 -21.24 24.73
CA VAL A 182 1.95 -21.14 23.51
C VAL A 182 0.97 -21.14 22.33
N LEU A 183 1.01 -20.05 21.56
CA LEU A 183 0.13 -19.85 20.39
C LEU A 183 0.95 -20.00 19.11
N GLY A 184 0.72 -21.10 18.42
CA GLY A 184 1.37 -21.38 17.16
C GLY A 184 0.62 -20.91 15.92
N ARG A 185 1.14 -21.32 14.76
CA ARG A 185 0.61 -20.94 13.47
CA ARG A 185 0.61 -20.92 13.48
C ARG A 185 -0.90 -21.16 13.44
N ASN A 186 -1.63 -20.15 13.00
CA ASN A 186 -3.11 -20.19 12.88
C ASN A 186 -3.87 -20.05 14.20
N ALA A 187 -3.19 -19.81 15.31
CA ALA A 187 -3.91 -19.40 16.53
C ALA A 187 -4.47 -18.01 16.32
N TRP A 188 -5.70 -17.84 16.80
CA TRP A 188 -6.42 -16.57 16.79
C TRP A 188 -6.74 -16.17 18.21
N LEU A 189 -6.56 -14.89 18.49
CA LEU A 189 -6.68 -14.33 19.83
C LEU A 189 -7.47 -13.02 19.73
N ARG A 190 -8.49 -12.87 20.58
CA ARG A 190 -9.22 -11.61 20.67
C ARG A 190 -9.34 -11.21 22.12
N LEU A 191 -8.85 -10.00 22.43
CA LEU A 191 -8.81 -9.51 23.79
C LEU A 191 -9.74 -8.31 23.93
N PRO A 192 -10.55 -8.32 24.98
CA PRO A 192 -11.52 -7.24 25.18
C PRO A 192 -10.89 -5.90 25.54
N GLU A 193 -11.69 -4.83 25.39
CA GLU A 193 -11.20 -3.48 25.64
C GLU A 193 -10.57 -3.42 27.05
N GLY A 194 -9.37 -2.86 27.09
CA GLY A 194 -8.66 -2.63 28.33
C GLY A 194 -7.64 -3.68 28.71
N GLU A 195 -7.72 -4.86 28.08
CA GLU A 195 -6.77 -5.93 28.39
C GLU A 195 -5.48 -5.75 27.57
N ALA A 196 -4.34 -5.70 28.27
CA ALA A 196 -3.03 -5.57 27.61
C ALA A 196 -2.67 -6.86 26.95
N LEU A 197 -1.91 -6.73 25.87
CA LEU A 197 -1.31 -7.87 25.20
C LEU A 197 0.18 -7.93 25.56
N SER A 198 0.63 -9.09 26.01
CA SER A 198 2.05 -9.37 26.16
C SER A 198 2.33 -10.69 25.49
N ALA A 199 3.04 -10.63 24.36
CA ALA A 199 3.33 -11.80 23.53
C ALA A 199 4.83 -11.90 23.35
N THR A 200 5.39 -13.05 23.72
CA THR A 200 6.84 -13.29 23.57
C THR A 200 7.11 -14.42 22.59
N ALA A 201 7.90 -14.15 21.57
CA ALA A 201 8.22 -15.17 20.56
C ALA A 201 9.08 -16.30 21.13
N GLY A 202 8.85 -17.48 20.60
CA GLY A 202 9.64 -18.62 20.95
C GLY A 202 10.96 -18.70 20.22
N ALA A 203 11.57 -19.89 20.26
CA ALA A 203 12.94 -20.11 19.79
C ALA A 203 13.15 -19.86 18.29
N ARG A 204 12.07 -20.00 17.52
CA ARG A 204 12.12 -19.77 16.07
C ARG A 204 11.59 -18.38 15.69
N GLY A 205 11.26 -17.57 16.68
CA GLY A 205 10.65 -16.25 16.43
C GLY A 205 9.19 -16.39 16.08
N ALA A 206 8.61 -15.33 15.55
CA ALA A 206 7.20 -15.35 15.14
C ALA A 206 6.88 -14.24 14.18
N LYS A 207 5.78 -14.44 13.47
CA LYS A 207 5.19 -13.41 12.64
C LYS A 207 3.72 -13.38 12.98
N ILE A 208 3.18 -12.18 13.16
CA ILE A 208 1.79 -12.03 13.53
C ILE A 208 1.14 -10.92 12.73
N TRP A 209 -0.17 -11.02 12.64
CA TRP A 209 -1.00 -9.90 12.19
C TRP A 209 -1.80 -9.45 13.39
N MSE A 210 -2.06 -8.16 13.46
CA MSE A 210 -2.60 -7.57 14.64
C MSE A 210 -3.50 -6.39 14.28
O MSE A 210 -3.14 -5.58 13.44
CB MSE A 210 -1.46 -7.12 15.52
CG MSE A 210 -1.81 -6.34 16.67
SE MSE A 210 -0.19 -6.16 17.78
CE MSE A 210 -1.12 -5.22 19.10
N LYS A 211 -4.64 -6.29 14.96
CA LYS A 211 -5.50 -5.12 14.85
C LYS A 211 -5.88 -4.68 16.23
N THR A 212 -5.86 -3.37 16.42
CA THR A 212 -6.32 -2.76 17.68
C THR A 212 -7.35 -1.64 17.43
N GLY A 213 -8.22 -1.40 18.42
CA GLY A 213 -9.20 -0.33 18.39
C GLY A 213 -10.59 -0.65 17.89
N HIS A 214 -10.72 -1.78 17.19
CA HIS A 214 -11.94 -2.08 16.40
C HIS A 214 -13.14 -2.51 17.26
N LEU A 215 -12.89 -2.94 18.49
CA LEU A 215 -14.00 -3.45 19.29
C LEU A 215 -14.85 -2.30 19.78
N ARG A 216 -14.35 -1.06 19.66
CA ARG A 216 -15.17 0.11 20.00
C ARG A 216 -16.25 0.35 18.94
N PHE A 217 -16.12 -0.32 17.80
CA PHE A 217 -16.97 -0.04 16.62
C PHE A 217 -17.69 -1.29 16.08
N VAL A 218 -17.88 -2.27 16.94
CA VAL A 218 -18.68 -3.44 16.59
C VAL A 218 -20.11 -3.01 16.25
N ARG A 219 -20.55 -3.39 15.04
CA ARG A 219 -21.90 -3.10 14.57
C ARG A 219 -22.51 -4.34 13.93
N THR A 220 -23.80 -4.54 14.19
CA THR A 220 -24.59 -5.51 13.45
C THR A 220 -24.95 -4.86 12.11
N PRO A 221 -24.75 -5.56 10.99
CA PRO A 221 -25.12 -4.97 9.70
C PRO A 221 -26.55 -4.40 9.67
N GLU A 222 -26.69 -3.12 9.30
CA GLU A 222 -28.00 -2.42 9.35
C GLU A 222 -28.72 -2.50 8.00
N GLY B 1 -14.52 5.14 -8.21
CA GLY B 1 -13.09 5.00 -7.89
C GLY B 1 -12.87 5.14 -6.39
N MSE B 2 -11.78 4.56 -5.90
CA MSE B 2 -11.50 4.53 -4.46
C MSE B 2 -10.23 5.29 -4.09
O MSE B 2 -9.53 5.79 -4.95
CB MSE B 2 -11.43 3.07 -4.00
CG MSE B 2 -12.78 2.31 -4.17
SE MSE B 2 -14.09 3.00 -3.01
CE MSE B 2 -15.66 2.83 -4.16
N GLU B 3 -9.98 5.42 -2.77
CA GLU B 3 -8.83 6.15 -2.24
C GLU B 3 -7.67 5.19 -1.87
N ILE B 4 -6.43 5.66 -2.04
CA ILE B 4 -5.27 4.96 -1.49
C ILE B 4 -4.29 5.98 -0.94
N ASN B 5 -3.84 5.76 0.30
CA ASN B 5 -2.96 6.72 0.98
C ASN B 5 -3.44 8.16 0.84
N ALA B 6 -4.75 8.34 1.02
CA ALA B 6 -5.42 9.63 0.81
C ALA B 6 -5.50 10.53 2.05
N ASP B 7 -4.89 10.08 3.15
CA ASP B 7 -4.76 10.91 4.36
C ASP B 7 -3.36 11.50 4.34
N PHE B 8 -3.25 12.73 3.86
CA PHE B 8 -1.95 13.34 3.65
C PHE B 8 -1.26 13.85 4.91
N THR B 9 -1.91 13.66 6.07
CA THR B 9 -1.27 13.91 7.38
C THR B 9 -0.38 12.75 7.82
N LYS B 10 -0.44 11.63 7.07
CA LYS B 10 0.27 10.40 7.44
C LYS B 10 1.50 10.25 6.56
N PRO B 11 2.65 9.93 7.17
CA PRO B 11 3.79 9.55 6.36
C PRO B 11 3.57 8.21 5.71
N VAL B 12 4.05 8.05 4.48
CA VAL B 12 3.88 6.83 3.68
CA VAL B 12 3.90 6.78 3.80
C VAL B 12 5.21 6.40 3.12
N VAL B 13 5.54 5.10 3.19
CA VAL B 13 6.70 4.58 2.47
CA VAL B 13 6.73 4.54 2.53
C VAL B 13 6.28 3.27 1.82
N ILE B 14 6.66 3.13 0.53
CA ILE B 14 6.31 1.93 -0.22
C ILE B 14 7.54 1.43 -0.98
N ASP B 15 7.86 0.14 -0.85
CA ASP B 15 8.89 -0.46 -1.68
C ASP B 15 8.17 -0.89 -2.97
N THR B 16 8.17 -0.04 -3.99
CA THR B 16 7.21 -0.20 -5.09
C THR B 16 7.52 -1.43 -5.95
N ASP B 17 8.78 -1.89 -5.94
CA ASP B 17 9.16 -3.13 -6.62
C ASP B 17 8.55 -4.40 -6.05
N GLN B 18 7.97 -4.31 -4.84
CA GLN B 18 7.31 -5.44 -4.20
C GLN B 18 5.78 -5.41 -4.33
N LEU B 19 5.27 -4.41 -5.02
CA LEU B 19 3.85 -4.30 -5.38
C LEU B 19 3.53 -5.09 -6.66
N GLU B 20 2.40 -5.80 -6.66
CA GLU B 20 1.93 -6.42 -7.90
C GLU B 20 1.61 -5.33 -8.91
N TRP B 21 2.01 -5.56 -10.16
CA TRP B 21 1.49 -4.79 -11.27
C TRP B 21 0.03 -5.12 -11.40
N ARG B 22 -0.81 -4.12 -11.63
CA ARG B 22 -2.24 -4.36 -11.80
C ARG B 22 -2.68 -3.78 -13.14
N PRO B 23 -3.68 -4.39 -13.79
CA PRO B 23 -3.99 -3.93 -15.16
C PRO B 23 -4.64 -2.56 -15.16
N SER B 24 -4.29 -1.71 -16.12
CA SER B 24 -4.97 -0.43 -16.27
C SER B 24 -6.05 -0.65 -17.36
N PRO B 25 -6.83 0.39 -17.65
CA PRO B 25 -7.80 0.31 -18.77
C PRO B 25 -7.13 0.18 -20.15
N MSE B 26 -6.05 0.95 -20.37
CA MSE B 26 -5.30 0.96 -21.64
C MSE B 26 -4.66 -0.44 -21.80
O MSE B 26 -4.05 -0.95 -20.86
CB MSE B 26 -4.19 2.05 -21.61
CG MSE B 26 -4.62 3.58 -21.53
SE MSE B 26 -3.18 4.97 -21.14
CE MSE B 26 -2.56 5.43 -22.93
N LYS B 27 -4.82 -1.07 -22.97
CA LYS B 27 -4.21 -2.37 -23.20
C LYS B 27 -2.69 -2.22 -23.24
N GLY B 28 -1.99 -3.21 -22.69
CA GLY B 28 -0.53 -3.19 -22.55
C GLY B 28 0.00 -2.21 -21.53
N VAL B 29 -0.87 -1.69 -20.68
CA VAL B 29 -0.46 -0.73 -19.66
C VAL B 29 -0.82 -1.29 -18.28
N GLU B 30 0.15 -1.37 -17.39
CA GLU B 30 -0.10 -1.86 -16.02
C GLU B 30 0.41 -0.81 -15.06
N ARG B 31 -0.07 -0.86 -13.82
CA ARG B 31 0.28 0.20 -12.89
C ARG B 31 0.41 -0.31 -11.46
N ARG B 32 1.20 0.42 -10.70
CA ARG B 32 1.35 0.30 -9.26
C ARG B 32 0.93 1.64 -8.66
N MSE B 33 -0.26 1.64 -8.06
CA MSE B 33 -0.87 2.85 -7.52
CA MSE B 33 -0.83 2.86 -7.53
CA MSE B 33 -0.87 2.85 -7.50
C MSE B 33 -0.21 3.21 -6.17
O MSE B 33 0.00 2.35 -5.32
CB MSE B 33 -2.41 2.67 -7.39
CB MSE B 33 -2.36 2.77 -7.46
CB MSE B 33 -2.37 2.63 -7.25
CG MSE B 33 -3.27 3.95 -7.17
CG MSE B 33 -3.05 3.07 -8.81
CG MSE B 33 -3.18 2.38 -8.50
SE MSE B 33 -3.13 5.39 -8.52
SE MSE B 33 -4.98 2.79 -8.85
SE MSE B 33 -3.16 3.88 -9.73
CE MSE B 33 -4.67 5.18 -9.67
CE MSE B 33 -5.41 3.99 -10.31
CE MSE B 33 -3.90 5.20 -8.55
N LEU B 34 0.10 4.49 -5.98
CA LEU B 34 0.80 4.98 -4.77
C LEU B 34 -0.07 5.91 -3.92
N ASP B 35 -0.69 6.91 -4.54
CA ASP B 35 -1.77 7.63 -3.84
C ASP B 35 -2.87 8.01 -4.81
N ARG B 36 -4.07 8.11 -4.29
CA ARG B 36 -5.25 8.43 -5.09
C ARG B 36 -6.33 9.02 -4.19
N ILE B 37 -6.87 10.18 -4.60
CA ILE B 37 -7.99 10.80 -3.90
C ILE B 37 -8.94 11.39 -4.92
N GLY B 38 -10.22 11.14 -4.70
CA GLY B 38 -11.28 11.55 -5.63
C GLY B 38 -12.07 10.33 -6.04
N GLY B 39 -13.17 10.55 -6.76
CA GLY B 39 -14.02 9.46 -7.27
C GLY B 39 -13.57 9.01 -8.65
N GLU B 40 -14.38 9.28 -9.65
CA GLU B 40 -14.09 8.82 -10.98
C GLU B 40 -12.83 9.47 -11.53
N VAL B 41 -12.73 10.79 -11.37
CA VAL B 41 -11.56 11.55 -11.78
C VAL B 41 -10.79 11.92 -10.53
N ALA B 42 -9.54 11.50 -10.47
CA ALA B 42 -8.76 11.58 -9.22
C ALA B 42 -7.39 12.20 -9.36
N ARG B 43 -6.96 12.87 -8.30
CA ARG B 43 -5.55 13.17 -8.09
C ARG B 43 -4.85 11.84 -7.84
N ALA B 44 -3.81 11.52 -8.64
CA ALA B 44 -3.21 10.18 -8.60
C ALA B 44 -1.70 10.22 -8.82
N THR B 45 -0.98 9.41 -8.02
CA THR B 45 0.44 9.20 -8.20
C THR B 45 0.62 7.70 -8.34
N SER B 46 1.36 7.31 -9.36
CA SER B 46 1.52 5.90 -9.67
C SER B 46 2.78 5.64 -10.47
N ILE B 47 3.20 4.37 -10.48
CA ILE B 47 4.19 3.91 -11.43
C ILE B 47 3.47 3.07 -12.50
N VAL B 48 3.75 3.36 -13.76
CA VAL B 48 3.03 2.78 -14.90
CA VAL B 48 3.04 2.72 -14.86
C VAL B 48 4.07 2.17 -15.84
N ARG B 49 3.78 0.99 -16.38
CA ARG B 49 4.63 0.34 -17.36
C ARG B 49 3.87 0.17 -18.66
N TYR B 50 4.47 0.64 -19.76
CA TYR B 50 3.93 0.47 -21.11
C TYR B 50 4.66 -0.70 -21.78
N ALA B 51 3.91 -1.65 -22.30
CA ALA B 51 4.54 -2.78 -23.06
C ALA B 51 5.24 -2.26 -24.33
N PRO B 52 6.29 -2.96 -24.80
CA PRO B 52 6.84 -2.65 -26.10
C PRO B 52 5.75 -2.66 -27.17
N GLY B 53 5.89 -1.75 -28.12
CA GLY B 53 4.96 -1.64 -29.23
C GLY B 53 3.66 -0.94 -28.91
N SER B 54 3.61 -0.22 -27.78
CA SER B 54 2.44 0.55 -27.37
C SER B 54 2.22 1.71 -28.32
N ARG B 55 1.01 1.79 -28.85
CA ARG B 55 0.61 2.87 -29.74
C ARG B 55 -0.77 3.27 -29.27
N PHE B 56 -0.96 4.56 -28.99
CA PHE B 56 -2.25 5.04 -28.48
C PHE B 56 -2.80 6.15 -29.36
N SER B 57 -4.05 6.51 -29.07
CA SER B 57 -4.67 7.65 -29.72
C SER B 57 -4.33 8.88 -28.88
N ALA B 58 -4.67 10.05 -29.40
CA ALA B 58 -4.37 11.29 -28.70
C ALA B 58 -5.14 11.36 -27.39
N HIS B 59 -4.56 12.01 -26.38
CA HIS B 59 -5.32 12.41 -25.19
C HIS B 59 -4.97 13.80 -24.72
N THR B 60 -5.82 14.31 -23.84
CA THR B 60 -5.66 15.62 -23.24
C THR B 60 -5.50 15.47 -21.75
N HIS B 61 -4.74 16.39 -21.17
CA HIS B 61 -4.46 16.40 -19.74
C HIS B 61 -5.31 17.48 -19.09
N ASP B 62 -6.52 17.10 -18.67
CA ASP B 62 -7.43 18.09 -18.08
C ASP B 62 -6.90 18.61 -16.73
N GLY B 63 -6.13 17.77 -16.04
CA GLY B 63 -5.56 18.12 -14.74
C GLY B 63 -4.04 18.20 -14.72
N GLY B 64 -3.44 18.07 -15.89
CA GLY B 64 -1.99 18.01 -15.99
C GLY B 64 -1.42 16.59 -15.74
N GLU B 65 -0.21 16.41 -16.26
CA GLU B 65 0.53 15.14 -16.27
C GLU B 65 2.01 15.47 -16.11
N GLU B 66 2.60 14.98 -15.03
CA GLU B 66 3.99 15.15 -14.69
C GLU B 66 4.59 13.78 -14.52
N PHE B 67 5.73 13.52 -15.18
CA PHE B 67 6.35 12.19 -15.06
C PHE B 67 7.86 12.16 -15.19
N ILE B 68 8.41 11.07 -14.67
CA ILE B 68 9.82 10.72 -14.80
C ILE B 68 9.87 9.42 -15.54
N VAL B 69 10.69 9.36 -16.58
CA VAL B 69 10.89 8.09 -17.26
C VAL B 69 11.96 7.33 -16.47
N LEU B 70 11.57 6.19 -15.92
CA LEU B 70 12.46 5.40 -15.07
C LEU B 70 13.30 4.39 -15.82
N ASP B 71 12.69 3.78 -16.83
CA ASP B 71 13.35 2.77 -17.66
CA ASP B 71 13.43 2.88 -17.70
C ASP B 71 12.74 2.82 -19.04
N GLY B 72 13.48 2.40 -20.06
CA GLY B 72 12.93 2.37 -21.41
C GLY B 72 12.85 3.76 -22.00
N VAL B 73 12.01 3.89 -23.02
CA VAL B 73 11.88 5.11 -23.75
C VAL B 73 10.41 5.37 -24.06
N PHE B 74 9.91 6.47 -23.48
CA PHE B 74 8.58 6.99 -23.78
C PHE B 74 8.68 7.81 -25.07
N GLN B 75 7.58 7.94 -25.79
CA GLN B 75 7.56 8.68 -27.04
C GLN B 75 6.27 9.45 -27.26
N ASP B 76 6.37 10.59 -27.94
CA ASP B 76 5.17 11.22 -28.55
C ASP B 76 5.58 11.91 -29.83
N GLU B 77 4.72 12.79 -30.35
CA GLU B 77 5.00 13.47 -31.62
C GLU B 77 6.25 14.35 -31.61
N HIS B 78 6.76 14.68 -30.43
CA HIS B 78 7.99 15.48 -30.32
C HIS B 78 9.21 14.61 -30.11
N GLY B 79 9.04 13.30 -30.25
CA GLY B 79 10.19 12.40 -30.26
C GLY B 79 10.29 11.49 -29.04
N ASP B 80 11.53 11.18 -28.64
CA ASP B 80 11.81 10.22 -27.58
C ASP B 80 12.17 10.89 -26.25
N TYR B 81 11.81 10.20 -25.16
CA TYR B 81 12.01 10.65 -23.79
C TYR B 81 12.65 9.46 -23.09
N PRO B 82 13.99 9.39 -23.12
CA PRO B 82 14.59 8.19 -22.55
C PRO B 82 14.64 8.24 -21.01
N ALA B 83 15.12 7.16 -20.42
CA ALA B 83 15.21 7.09 -18.97
C ALA B 83 16.03 8.25 -18.45
N GLY B 84 15.53 8.90 -17.40
CA GLY B 84 16.15 10.10 -16.84
C GLY B 84 15.53 11.40 -17.28
N THR B 85 14.49 11.35 -18.11
CA THR B 85 13.73 12.53 -18.55
C THR B 85 12.57 12.82 -17.60
N TYR B 86 12.46 14.08 -17.24
CA TYR B 86 11.35 14.61 -16.46
C TYR B 86 10.50 15.50 -17.36
N VAL B 87 9.19 15.35 -17.25
CA VAL B 87 8.23 16.04 -18.11
C VAL B 87 7.10 16.68 -17.33
N ARG B 88 6.72 17.90 -17.70
CA ARG B 88 5.47 18.54 -17.23
C ARG B 88 4.62 18.89 -18.44
N ASN B 89 3.42 18.28 -18.49
CA ASN B 89 2.39 18.52 -19.48
C ASN B 89 1.19 19.10 -18.72
N PRO B 90 1.08 20.44 -18.72
CA PRO B 90 0.11 21.09 -17.87
C PRO B 90 -1.33 20.96 -18.39
N PRO B 91 -2.32 21.36 -17.58
CA PRO B 91 -3.72 21.35 -17.97
C PRO B 91 -3.93 21.99 -19.35
N THR B 92 -4.78 21.33 -20.11
CA THR B 92 -5.18 21.67 -21.48
C THR B 92 -4.23 21.18 -22.58
N THR B 93 -3.07 20.62 -22.23
CA THR B 93 -2.15 20.14 -23.25
C THR B 93 -2.60 18.76 -23.74
N SER B 94 -2.16 18.40 -24.94
CA SER B 94 -2.55 17.14 -25.57
CA SER B 94 -2.53 17.13 -25.53
C SER B 94 -1.36 16.58 -26.35
N HIS B 95 -1.35 15.27 -26.53
CA HIS B 95 -0.32 14.65 -27.34
C HIS B 95 -0.75 13.23 -27.68
N VAL B 96 0.08 12.58 -28.48
CA VAL B 96 -0.17 11.20 -28.93
C VAL B 96 0.96 10.35 -28.37
N PRO B 97 0.69 9.68 -27.24
CA PRO B 97 1.71 8.89 -26.57
C PRO B 97 1.91 7.49 -27.17
N GLY B 98 3.10 6.93 -26.92
CA GLY B 98 3.48 5.61 -27.37
C GLY B 98 4.79 5.20 -26.73
N SER B 99 5.17 3.95 -26.96
CA SER B 99 6.49 3.46 -26.61
C SER B 99 6.83 2.24 -27.45
N ALA B 100 7.64 2.44 -28.50
CA ALA B 100 8.17 1.32 -29.28
C ALA B 100 8.93 0.31 -28.45
N GLU B 101 9.82 0.79 -27.59
CA GLU B 101 10.72 -0.07 -26.79
C GLU B 101 10.09 -0.56 -25.48
N GLY B 102 8.99 0.06 -25.07
CA GLY B 102 8.46 -0.09 -23.71
C GLY B 102 9.13 0.86 -22.76
N CYS B 103 8.46 1.14 -21.65
CA CYS B 103 9.01 2.04 -20.66
C CYS B 103 8.27 1.92 -19.34
N THR B 104 8.92 2.36 -18.28
CA THR B 104 8.29 2.46 -16.97
C THR B 104 8.42 3.89 -16.54
N ILE B 105 7.31 4.45 -16.05
CA ILE B 105 7.28 5.85 -15.67
CA ILE B 105 7.25 5.84 -15.71
C ILE B 105 6.68 6.05 -14.29
N PHE B 106 7.18 7.07 -13.57
CA PHE B 106 6.54 7.56 -12.34
C PHE B 106 5.69 8.74 -12.76
N VAL B 107 4.38 8.70 -12.49
CA VAL B 107 3.45 9.69 -13.06
C VAL B 107 2.52 10.24 -12.02
N LYS B 108 2.31 11.56 -12.09
CA LYS B 108 1.35 12.29 -11.28
C LYS B 108 0.33 12.96 -12.20
N LEU B 109 -0.94 12.71 -11.94
CA LEU B 109 -2.04 13.33 -12.70
C LEU B 109 -2.90 14.17 -11.77
N TRP B 110 -3.47 15.27 -12.30
CA TRP B 110 -4.36 16.13 -11.54
C TRP B 110 -3.70 16.77 -10.29
N GLN B 111 -2.41 17.05 -10.42
CA GLN B 111 -1.65 17.72 -9.36
C GLN B 111 -1.11 19.09 -9.81
N PHE B 112 -1.56 19.55 -10.98
CA PHE B 112 -1.29 20.92 -11.40
C PHE B 112 -2.41 21.87 -10.93
N ASP B 113 -2.02 23.10 -10.64
CA ASP B 113 -3.01 24.16 -10.50
C ASP B 113 -3.74 24.27 -11.87
N PRO B 114 -5.07 24.40 -11.86
CA PRO B 114 -5.80 24.46 -13.12
C PRO B 114 -5.35 25.55 -14.09
N ALA B 115 -4.73 26.62 -13.58
CA ALA B 115 -4.29 27.71 -14.43
C ALA B 115 -2.85 27.57 -14.96
N ASP B 116 -2.11 26.55 -14.51
CA ASP B 116 -0.72 26.34 -14.94
C ASP B 116 -0.70 26.01 -16.44
N ARG B 117 0.15 26.72 -17.17
CA ARG B 117 0.35 26.44 -18.59
C ARG B 117 1.83 26.23 -18.92
N THR B 118 2.63 25.96 -17.90
CA THR B 118 4.06 25.77 -18.13
C THR B 118 4.39 24.34 -18.55
N GLN B 119 4.89 24.17 -19.78
CA GLN B 119 5.15 22.85 -20.37
C GLN B 119 6.62 22.73 -20.77
N PHE B 120 7.25 21.62 -20.39
CA PHE B 120 8.61 21.32 -20.82
C PHE B 120 9.00 19.90 -20.50
N SER B 121 10.11 19.45 -21.07
CA SER B 121 10.81 18.28 -20.59
C SER B 121 12.23 18.63 -20.27
N LYS B 122 12.86 17.78 -19.48
CA LYS B 122 14.20 18.08 -19.00
C LYS B 122 15.00 16.81 -18.81
N ASN B 123 16.29 16.84 -19.18
CA ASN B 123 17.20 15.76 -18.87
C ASN B 123 17.75 16.05 -17.48
N MSE B 124 17.32 15.28 -16.49
CA MSE B 124 17.62 15.61 -15.08
C MSE B 124 19.11 15.67 -14.76
O MSE B 124 19.58 16.65 -14.16
CB MSE B 124 16.93 14.63 -14.10
CG MSE B 124 15.45 14.59 -14.18
SE MSE B 124 14.63 13.45 -12.83
CE MSE B 124 15.25 11.76 -13.52
N GLU B 125 19.88 14.69 -15.21
CA GLU B 125 21.32 14.64 -14.93
C GLU B 125 22.13 15.68 -15.70
N ALA B 126 21.65 16.05 -16.88
CA ALA B 126 22.36 16.99 -17.74
C ALA B 126 22.46 18.38 -17.12
N GLU B 127 21.62 18.68 -16.14
CA GLU B 127 21.58 20.05 -15.55
C GLU B 127 22.07 20.11 -14.09
N LEU B 128 22.71 19.03 -13.62
CA LEU B 128 23.31 19.03 -12.27
C LEU B 128 24.35 20.12 -12.11
N GLY B 129 24.33 20.76 -10.94
CA GLY B 129 25.45 21.59 -10.49
C GLY B 129 26.54 20.80 -9.78
N ALA B 130 27.59 21.46 -9.30
CA ALA B 130 28.63 20.81 -8.53
C ALA B 130 28.14 20.31 -7.17
N PRO B 131 28.80 19.26 -6.67
CA PRO B 131 28.47 18.75 -5.36
C PRO B 131 28.78 19.78 -4.28
N VAL B 132 27.88 19.89 -3.33
CA VAL B 132 28.05 20.69 -2.14
C VAL B 132 27.88 19.70 -1.00
N GLU B 133 28.92 19.50 -0.20
CA GLU B 133 28.92 18.51 0.88
C GLU B 133 28.31 17.18 0.38
N GLY B 134 28.85 16.67 -0.72
CA GLY B 134 28.45 15.39 -1.31
C GLY B 134 27.14 15.34 -2.10
N ILE B 135 26.47 16.48 -2.29
CA ILE B 135 25.14 16.48 -2.93
C ILE B 135 25.11 17.45 -4.12
N SER B 136 24.80 16.90 -5.30
CA SER B 136 24.63 17.67 -6.52
C SER B 136 23.15 17.79 -6.78
N THR B 137 22.72 19.00 -7.14
CA THR B 137 21.32 19.28 -7.34
C THR B 137 21.06 19.79 -8.76
N SER B 138 19.97 19.30 -9.37
CA SER B 138 19.43 19.83 -10.61
C SER B 138 18.03 20.34 -10.32
N LEU B 139 17.84 21.64 -10.45
CA LEU B 139 16.49 22.20 -10.25
C LEU B 139 15.64 21.84 -11.48
N LEU B 140 14.52 21.13 -11.27
CA LEU B 140 13.70 20.66 -12.36
C LEU B 140 12.49 21.54 -12.60
N HIS B 141 11.95 22.10 -11.54
CA HIS B 141 10.76 22.96 -11.63
C HIS B 141 10.57 23.67 -10.32
N GLU B 142 10.21 24.96 -10.38
CA GLU B 142 9.81 25.69 -9.19
CA GLU B 142 9.81 25.69 -9.19
C GLU B 142 8.77 26.70 -9.56
N ASP B 143 7.71 26.74 -8.78
CA ASP B 143 6.70 27.77 -8.90
C ASP B 143 6.26 28.22 -7.49
N GLU B 144 5.19 28.99 -7.37
CA GLU B 144 4.70 29.45 -6.06
CA GLU B 144 4.73 29.45 -6.05
C GLU B 144 4.36 28.31 -5.09
N ARG B 145 4.06 27.14 -5.64
CA ARG B 145 3.52 26.03 -4.85
C ARG B 145 4.51 24.95 -4.48
N GLU B 146 5.43 24.66 -5.40
CA GLU B 146 6.27 23.48 -5.27
C GLU B 146 7.65 23.71 -5.80
N THR B 147 8.57 22.88 -5.30
CA THR B 147 9.97 22.84 -5.76
C THR B 147 10.36 21.42 -6.05
N VAL B 148 10.79 21.17 -7.29
CA VAL B 148 11.09 19.82 -7.77
C VAL B 148 12.58 19.71 -8.12
N THR B 149 13.28 18.73 -7.55
CA THR B 149 14.72 18.60 -7.76
C THR B 149 15.12 17.18 -8.05
N HIS B 150 16.23 17.02 -8.75
CA HIS B 150 16.96 15.76 -8.82
C HIS B 150 18.21 15.97 -7.98
N ARG B 151 18.57 14.99 -7.16
CA ARG B 151 19.73 15.07 -6.31
C ARG B 151 20.58 13.81 -6.51
N LYS B 152 21.88 14.00 -6.64
CA LYS B 152 22.83 12.91 -6.63
CA LYS B 152 22.83 12.90 -6.63
C LYS B 152 23.65 13.01 -5.35
N LEU B 153 23.66 11.94 -4.57
CA LEU B 153 24.35 11.88 -3.28
C LEU B 153 25.55 10.93 -3.37
N GLU B 154 26.72 11.43 -2.96
CA GLU B 154 27.93 10.60 -2.82
C GLU B 154 27.74 9.61 -1.66
N PRO B 155 28.54 8.53 -1.62
CA PRO B 155 28.42 7.58 -0.50
C PRO B 155 28.53 8.29 0.83
N GLY B 156 27.55 8.07 1.69
CA GLY B 156 27.58 8.65 3.03
C GLY B 156 27.04 10.06 3.14
N ALA B 157 26.70 10.70 2.02
CA ALA B 157 26.25 12.11 2.07
C ALA B 157 24.85 12.12 2.60
N ASN B 158 24.61 13.09 3.47
CA ASN B 158 23.29 13.28 4.07
C ASN B 158 22.61 14.50 3.49
N LEU B 159 21.36 14.30 3.06
CA LEU B 159 20.46 15.36 2.67
C LEU B 159 19.45 15.55 3.80
N THR B 160 19.40 16.74 4.37
CA THR B 160 18.43 17.10 5.38
C THR B 160 17.65 18.28 4.82
N SER B 161 16.32 18.14 4.76
CA SER B 161 15.45 19.19 4.29
C SER B 161 14.43 19.52 5.36
N GLU B 162 14.26 20.81 5.61
CA GLU B 162 13.19 21.28 6.47
C GLU B 162 12.15 22.05 5.64
N ALA B 163 12.04 21.70 4.36
CA ALA B 163 11.13 22.40 3.43
C ALA B 163 9.69 22.33 3.92
N ALA B 164 8.98 23.45 3.74
CA ALA B 164 7.57 23.56 4.13
C ALA B 164 6.64 22.88 3.13
N GLY B 165 5.52 22.38 3.64
CA GLY B 165 4.40 22.02 2.75
C GLY B 165 4.43 20.60 2.21
N GLY B 166 5.19 19.74 2.86
CA GLY B 166 5.29 18.31 2.49
C GLY B 166 6.51 17.99 1.64
N ILE B 167 6.97 16.76 1.77
CA ILE B 167 8.14 16.29 1.07
C ILE B 167 7.86 14.90 0.49
N GLU B 168 8.15 14.74 -0.80
CA GLU B 168 7.96 13.46 -1.46
C GLU B 168 9.20 13.12 -2.24
N VAL B 169 9.62 11.86 -2.13
CA VAL B 169 10.88 11.40 -2.72
C VAL B 169 10.67 10.07 -3.44
N LEU B 170 11.26 9.94 -4.63
CA LEU B 170 11.39 8.64 -5.29
C LEU B 170 12.89 8.34 -5.39
N VAL B 171 13.30 7.16 -4.92
CA VAL B 171 14.69 6.75 -5.08
C VAL B 171 14.88 6.21 -6.49
N LEU B 172 15.82 6.81 -7.22
CA LEU B 172 16.05 6.43 -8.61
C LEU B 172 17.13 5.35 -8.75
N ASP B 173 18.15 5.42 -7.90
CA ASP B 173 19.29 4.49 -7.97
C ASP B 173 19.98 4.52 -6.61
N GLY B 174 20.71 3.45 -6.32
CA GLY B 174 21.42 3.37 -5.03
C GLY B 174 20.43 3.21 -3.89
N ASP B 175 20.77 3.74 -2.72
CA ASP B 175 19.88 3.67 -1.55
C ASP B 175 20.17 4.82 -0.57
N VAL B 176 19.14 5.19 0.17
CA VAL B 176 19.27 6.11 1.30
C VAL B 176 18.63 5.51 2.52
N THR B 177 19.24 5.79 3.67
CA THR B 177 18.62 5.52 4.95
C THR B 177 17.79 6.71 5.44
N VAL B 178 16.52 6.44 5.78
CA VAL B 178 15.57 7.44 6.31
C VAL B 178 14.89 6.77 7.51
N ASN B 179 15.06 7.34 8.69
CA ASN B 179 14.51 6.75 9.92
C ASN B 179 14.82 5.26 10.09
N ASP B 180 16.10 4.95 9.95
CA ASP B 180 16.64 3.60 10.05
C ASP B 180 16.10 2.54 9.10
N GLU B 181 15.38 2.98 8.09
CA GLU B 181 14.93 2.11 7.04
C GLU B 181 15.79 2.40 5.80
N VAL B 182 16.18 1.33 5.12
CA VAL B 182 16.96 1.44 3.87
C VAL B 182 16.01 1.48 2.67
N LEU B 183 15.98 2.65 2.02
CA LEU B 183 15.13 2.89 0.84
CA LEU B 183 15.14 2.88 0.84
C LEU B 183 15.97 2.74 -0.43
N GLY B 184 15.77 1.64 -1.15
CA GLY B 184 16.47 1.40 -2.39
C GLY B 184 15.75 1.82 -3.65
N ARG B 185 16.22 1.31 -4.78
CA ARG B 185 15.71 1.71 -6.08
CA ARG B 185 15.70 1.72 -6.07
C ARG B 185 14.19 1.51 -6.11
N ASN B 186 13.52 2.56 -6.55
CA ASN B 186 12.07 2.64 -6.69
C ASN B 186 11.29 2.73 -5.39
N ALA B 187 11.97 2.90 -4.25
CA ALA B 187 11.22 3.24 -3.03
C ALA B 187 10.60 4.63 -3.17
N TRP B 188 9.40 4.74 -2.64
CA TRP B 188 8.64 6.00 -2.63
C TRP B 188 8.31 6.41 -1.22
N LEU B 189 8.50 7.70 -0.92
CA LEU B 189 8.33 8.23 0.41
C LEU B 189 7.53 9.52 0.33
N ARG B 190 6.52 9.68 1.19
CA ARG B 190 5.76 10.92 1.28
C ARG B 190 5.61 11.29 2.75
N LEU B 191 6.10 12.47 3.09
CA LEU B 191 6.12 12.97 4.43
C LEU B 191 5.16 14.16 4.55
N PRO B 192 4.36 14.18 5.63
CA PRO B 192 3.38 15.23 5.79
C PRO B 192 4.01 16.59 6.14
N GLU B 193 3.21 17.62 6.01
CA GLU B 193 3.68 19.00 6.29
C GLU B 193 4.33 19.05 7.67
N GLY B 194 5.53 19.64 7.70
CA GLY B 194 6.21 19.93 8.96
C GLY B 194 7.27 18.89 9.30
N GLU B 195 7.24 17.72 8.66
CA GLU B 195 8.18 16.64 8.98
C GLU B 195 9.46 16.83 8.17
N ALA B 196 10.60 16.95 8.86
CA ALA B 196 11.91 17.06 8.19
C ALA B 196 12.31 15.73 7.57
N LEU B 197 13.03 15.82 6.46
CA LEU B 197 13.61 14.69 5.80
C LEU B 197 15.09 14.66 6.18
N SER B 198 15.57 13.50 6.62
CA SER B 198 17.00 13.26 6.71
C SER B 198 17.31 11.94 6.00
N ALA B 199 18.06 11.99 4.90
CA ALA B 199 18.31 10.80 4.07
C ALA B 199 19.80 10.70 3.86
N THR B 200 20.38 9.57 4.19
CA THR B 200 21.81 9.39 4.03
C THR B 200 22.08 8.27 3.03
N ALA B 201 22.88 8.58 2.00
CA ALA B 201 23.19 7.57 0.97
C ALA B 201 24.08 6.46 1.50
N GLY B 202 23.85 5.24 1.02
CA GLY B 202 24.69 4.14 1.39
C GLY B 202 26.01 4.11 0.64
N ALA B 203 26.64 2.93 0.69
CA ALA B 203 27.98 2.70 0.15
C ALA B 203 28.17 2.99 -1.33
N ARG B 204 27.08 2.92 -2.09
CA ARG B 204 27.07 3.15 -3.55
C ARG B 204 26.50 4.50 -3.95
N GLY B 205 26.17 5.31 -2.96
CA GLY B 205 25.57 6.61 -3.18
C GLY B 205 24.08 6.48 -3.49
N ALA B 206 23.51 7.53 -4.02
CA ALA B 206 22.10 7.49 -4.37
C ALA B 206 21.77 8.58 -5.36
N LYS B 207 20.71 8.32 -6.14
CA LYS B 207 20.10 9.34 -6.95
C LYS B 207 18.63 9.37 -6.59
N ILE B 208 18.09 10.58 -6.40
CA ILE B 208 16.69 10.73 -6.04
C ILE B 208 15.99 11.85 -6.83
N TRP B 209 14.68 11.74 -6.90
CA TRP B 209 13.81 12.82 -7.31
C TRP B 209 13.05 13.25 -6.06
N MSE B 210 12.82 14.53 -5.94
CA MSE B 210 12.10 15.03 -4.80
C MSE B 210 11.24 16.27 -5.12
O MSE B 210 11.63 17.12 -5.95
CB MSE B 210 13.05 15.22 -3.63
CG MSE B 210 13.57 16.54 -3.42
SE MSE B 210 14.69 16.58 -1.76
CE MSE B 210 13.61 16.30 -0.65
N LYS B 211 10.06 16.33 -4.50
CA LYS B 211 9.17 17.48 -4.58
C LYS B 211 8.84 17.95 -3.17
N THR B 212 8.84 19.26 -2.96
CA THR B 212 8.38 19.81 -1.69
C THR B 212 7.34 20.91 -1.91
N GLY B 213 6.47 21.09 -0.92
CA GLY B 213 5.49 22.18 -0.91
C GLY B 213 4.09 21.86 -1.41
N HIS B 214 3.95 20.74 -2.09
CA HIS B 214 2.74 20.38 -2.82
C HIS B 214 1.60 19.90 -1.92
N LEU B 215 1.90 19.42 -0.73
CA LEU B 215 0.79 18.93 0.12
C LEU B 215 -0.10 20.07 0.63
N ARG B 216 0.34 21.33 0.46
CA ARG B 216 -0.49 22.49 0.82
C ARG B 216 -1.59 22.71 -0.23
N PHE B 217 -1.43 22.05 -1.39
CA PHE B 217 -2.29 22.27 -2.55
C PHE B 217 -2.92 20.99 -3.06
N VAL B 218 -3.17 20.04 -2.16
CA VAL B 218 -3.93 18.84 -2.55
C VAL B 218 -5.36 19.26 -2.88
N ARG B 219 -5.82 18.93 -4.09
CA ARG B 219 -7.19 19.19 -4.52
C ARG B 219 -7.78 17.90 -5.12
N THR B 220 -9.05 17.61 -4.79
CA THR B 220 -9.80 16.58 -5.50
C THR B 220 -10.28 17.22 -6.80
N PRO B 221 -10.16 16.53 -7.96
CA PRO B 221 -10.57 17.20 -9.20
C PRO B 221 -12.01 17.73 -9.24
N GLU B 222 -12.18 18.95 -9.74
CA GLU B 222 -13.49 19.57 -9.93
C GLU B 222 -13.94 19.43 -11.38
ZN ZN C . -14.75 -9.92 -2.25
N NIO D . -17.03 -17.27 2.31
C1 NIO D . -17.50 -17.23 3.57
C2 NIO D . -17.06 -16.26 4.48
C3 NIO D . -16.14 -15.31 4.05
C4 NIO D . -15.67 -15.36 2.73
C5 NIO D . -16.14 -16.37 1.86
C6 NIO D . -17.60 -16.24 5.90
O1 NIO D . -17.05 -15.54 6.79
O2 NIO D . -18.61 -16.93 6.18
S SO4 E . -5.89 -28.06 7.61
O1 SO4 E . -5.17 -29.34 7.71
O2 SO4 E . -6.13 -27.58 8.99
O3 SO4 E . -5.06 -27.10 6.88
O4 SO4 E . -7.12 -28.29 6.85
S SO4 F . -15.95 -0.46 -7.62
O1 SO4 F . -15.40 -1.75 -7.21
O2 SO4 F . -16.03 0.44 -6.47
O3 SO4 F . -15.03 0.17 -8.56
O4 SO4 F . -17.26 -0.62 -8.20
C1 EDO G . -10.53 -18.26 26.12
O1 EDO G . -10.95 -18.88 24.89
C2 EDO G . -10.95 -19.16 27.27
O2 EDO G . -12.38 -19.10 27.36
C1 EDO H . -17.80 -17.23 23.93
O1 EDO H . -16.56 -16.55 23.76
C2 EDO H . -18.39 -16.95 25.30
O2 EDO H . -19.20 -15.76 25.22
C1 EDO I . 0.30 -6.09 -3.03
O1 EDO I . 0.24 -5.59 -4.37
C2 EDO I . 0.83 -7.52 -3.02
O2 EDO I . 2.21 -7.51 -3.42
C1 EDO J . -11.40 -13.37 -11.93
O1 EDO J . -11.25 -13.18 -13.34
C2 EDO J . -10.50 -14.49 -11.43
O2 EDO J . -11.27 -15.71 -11.33
C1 EDO K . -11.30 -31.50 5.47
O1 EDO K . -12.46 -31.47 6.32
C2 EDO K . -10.05 -31.65 6.33
O2 EDO K . -8.98 -30.86 5.79
C1 EDO L . -5.64 2.63 17.68
O1 EDO L . -4.24 2.35 17.67
C2 EDO L . -6.15 2.34 19.08
O2 EDO L . -6.04 0.95 19.36
C1 EDO M . 2.02 -0.93 19.12
O1 EDO M . 3.03 0.08 18.96
C2 EDO M . 0.97 -0.53 20.13
O2 EDO M . -0.23 -1.30 19.96
C1 EDO N . -6.69 -15.77 26.73
C1 EDO N . -6.54 -15.46 26.39
O1 EDO N . -7.72 -15.16 27.51
O1 EDO N . -5.19 -15.08 26.64
C2 EDO N . -6.71 -17.28 26.95
C2 EDO N . -6.78 -16.86 26.95
O2 EDO N . -7.16 -17.59 28.28
O2 EDO N . -6.40 -16.92 28.34
C1 EDO O . -0.05 1.38 22.22
O1 EDO O . -1.09 2.32 21.93
C2 EDO O . 0.33 1.33 23.69
O2 EDO O . 0.98 0.08 23.94
ZN ZN P . -0.09 12.36 -21.57
S SO4 Q . -1.38 21.84 -26.89
O1 SO4 Q . -2.50 21.56 -27.77
O2 SO4 Q . -0.86 20.59 -26.32
O3 SO4 Q . -0.31 22.50 -27.65
O4 SO4 Q . -1.81 22.70 -25.80
S SO4 R . 9.51 -5.31 -11.86
O1 SO4 R . 8.29 -5.73 -12.54
O2 SO4 R . 9.25 -4.82 -10.49
O3 SO4 R . 10.39 -6.48 -11.73
O4 SO4 R . 10.15 -4.27 -12.67
S SO4 S . -5.30 -0.72 -9.16
O1 SO4 S . -4.61 -0.66 -10.44
O2 SO4 S . -6.21 -1.89 -9.09
O3 SO4 S . -4.33 -0.82 -8.07
O4 SO4 S . -6.08 0.51 -9.00
C1 EDO T . 16.08 16.88 -23.09
O1 EDO T . 16.34 15.83 -24.03
C2 EDO T . 14.75 16.64 -22.40
O2 EDO T . 13.74 16.57 -23.41
C1 EDO U . 24.38 6.51 -8.30
O1 EDO U . 25.13 7.71 -7.98
C2 EDO U . 23.87 5.83 -7.04
O2 EDO U . 24.21 4.44 -7.04
C1 EDO V . 16.46 21.81 0.61
O1 EDO V . 16.85 21.88 -0.76
C2 EDO V . 14.95 21.90 0.66
O2 EDO V . 14.39 20.70 0.12
C1 EDO W . 7.98 18.27 -24.07
O1 EDO W . 7.90 17.75 -25.43
C2 EDO W . 6.60 18.33 -23.39
O2 EDO W . 5.96 17.04 -23.38
C1 EDO X . 6.33 -7.63 -8.04
O1 EDO X . 5.63 -7.81 -9.27
C2 EDO X . 5.77 -8.54 -6.96
O2 EDO X . 6.74 -9.53 -6.66
C1 EDO Y . -5.72 28.37 -22.43
O1 EDO Y . -4.52 28.71 -21.73
C2 EDO Y . -6.90 29.02 -21.72
O2 EDO Y . -7.51 28.03 -20.90
C1 EDO Z . 7.93 7.36 7.19
O1 EDO Z . 7.48 6.91 8.48
C2 EDO Z . 9.38 6.96 7.01
O2 EDO Z . 10.23 7.93 7.61
#